data_7Z6L
#
_entry.id   7Z6L
#
_cell.length_a   47.308
_cell.length_b   86.808
_cell.length_c   59.261
_cell.angle_alpha   90.000
_cell.angle_beta   98.900
_cell.angle_gamma   90.000
#
_symmetry.space_group_name_H-M   'P 1 21 1'
#
loop_
_entity.id
_entity.type
_entity.pdbx_description
1 polymer 'Probable global transcription activator SNF2L2'
2 polymer 'von Hippel-Lindau disease tumor suppressor'
3 polymer Elongin-C
4 polymer Elongin-B
5 non-polymer (2~{S},4~{R})-~{N}-[[2-[3-[4-(4-bromanyl-7-cyclopentyl-5-oxidanylidene-benzimidazolo[1,2-a]quinazolin-9-yl)piperidin-1-yl]propoxy]-4-(4-methyl-1,3-thiazol-5-yl)phenyl]methyl]-1-[(2~{S})-2-[(1-fluoranylcyclopropyl)carbonylamino]-3,3-dimethyl-butanoyl]-4-oxidanyl-pyrrolidine-2-carboxamide
6 water water
#
loop_
_entity_poly.entity_id
_entity_poly.type
_entity_poly.pdbx_seq_one_letter_code
_entity_poly.pdbx_strand_id
1 'polypeptide(L)'
;SMAEKLSPNPPKLTKQMNAIIDTVINYKDSSGRQLSEVFIQLPSRKELPEYYELIRKPVDFKKIKERIRNHKYRSLGDLE
KDVMLLCHNAQTFNLEGSQIYEDSIVLQSVFKSARQKIAKEEE
;
A
2 'polypeptide(L)'
;GSMEAGRPRPVLRSVNSREPSQVIFCNRSPRVVLPVWLNFDGEPQPYPTLPPGTGRRIHSYRGHLWLFRDAGTHDGLLVN
QTELFVPSLNVDGQPIFANITLPVYTLKERCLQVVRSLVKPENYRRLDIVRSLYEDLEDHPNVQKDLERLTQERIAHQRM
GD
;
B
3 'polypeptide(L)'
;MMYVKLISSDGHEFIVKREHALTSGTIKAMLSGPGQFAENETNEVNFREIPSHVLSKVCMYFTYKVRYTNSSTEIPEFPI
APEIALELLMAANFLDC
;
C
4 'polypeptide(L)'
;MDVFLMIRRHKTTIFTDAKESSTVFELKRIVEGILKRPPDEQRLYKDDQLLDDGKTLGECGFTSQTARPQAPATVGLAFR
ADDTFEALCIEPFSSPPELPDVMK
;
D
#
# COMPACT_ATOMS: atom_id res chain seq x y z
N PRO A 8 -39.74 -40.13 -10.25
CA PRO A 8 -38.44 -40.83 -10.17
C PRO A 8 -38.17 -41.66 -11.42
N ASN A 9 -36.94 -41.54 -11.96
CA ASN A 9 -36.52 -42.23 -13.19
C ASN A 9 -36.12 -43.70 -12.99
N PRO A 10 -36.08 -44.53 -14.07
CA PRO A 10 -35.57 -45.90 -13.91
C PRO A 10 -34.08 -45.86 -13.52
N PRO A 11 -33.62 -46.83 -12.70
CA PRO A 11 -32.21 -46.82 -12.24
C PRO A 11 -31.13 -46.81 -13.34
N LYS A 12 -31.37 -47.51 -14.47
CA LYS A 12 -30.41 -47.56 -15.58
C LYS A 12 -30.16 -46.17 -16.19
N LEU A 13 -31.24 -45.37 -16.32
CA LEU A 13 -31.18 -44.03 -16.87
C LEU A 13 -30.32 -43.07 -16.04
N THR A 14 -30.56 -43.02 -14.72
CA THR A 14 -29.83 -42.21 -13.75
C THR A 14 -28.32 -42.55 -13.80
N LYS A 15 -27.97 -43.85 -13.90
CA LYS A 15 -26.58 -44.34 -14.00
C LYS A 15 -25.91 -43.79 -15.24
N GLN A 16 -26.62 -43.83 -16.38
CA GLN A 16 -26.12 -43.31 -17.66
C GLN A 16 -25.83 -41.81 -17.58
N MET A 17 -26.80 -41.02 -17.06
CA MET A 17 -26.70 -39.57 -16.92
C MET A 17 -25.47 -39.16 -16.12
N ASN A 18 -25.27 -39.80 -14.96
CA ASN A 18 -24.14 -39.58 -14.07
C ASN A 18 -22.83 -40.02 -14.72
N ALA A 19 -22.84 -41.15 -15.46
CA ALA A 19 -21.63 -41.63 -16.14
C ALA A 19 -21.18 -40.64 -17.21
N ILE A 20 -22.13 -40.07 -17.98
CA ILE A 20 -21.81 -39.11 -19.03
C ILE A 20 -21.29 -37.81 -18.41
N ILE A 21 -22.01 -37.30 -17.39
CA ILE A 21 -21.65 -36.06 -16.74
C ILE A 21 -20.31 -36.16 -15.98
N ASP A 22 -19.98 -37.35 -15.45
CA ASP A 22 -18.69 -37.53 -14.76
C ASP A 22 -17.55 -37.52 -15.75
N THR A 23 -17.77 -38.11 -16.94
CA THR A 23 -16.80 -38.10 -18.04
C THR A 23 -16.47 -36.65 -18.44
N VAL A 24 -17.51 -35.82 -18.66
CA VAL A 24 -17.37 -34.41 -19.04
C VAL A 24 -16.64 -33.58 -17.97
N ILE A 25 -17.06 -33.73 -16.71
CA ILE A 25 -16.52 -33.01 -15.57
C ILE A 25 -15.07 -33.41 -15.26
N ASN A 26 -14.75 -34.72 -15.33
CA ASN A 26 -13.39 -35.18 -15.02
C ASN A 26 -12.46 -35.12 -16.23
N TYR A 27 -12.98 -34.61 -17.36
CA TYR A 27 -12.18 -34.47 -18.57
C TYR A 27 -10.95 -33.56 -18.35
N LYS A 28 -9.78 -34.12 -18.68
CA LYS A 28 -8.51 -33.40 -18.59
C LYS A 28 -7.87 -33.36 -19.96
N ASP A 29 -7.51 -32.16 -20.40
CA ASP A 29 -6.84 -31.97 -21.69
C ASP A 29 -5.41 -32.57 -21.64
N SER A 30 -4.61 -32.25 -22.66
CA SER A 30 -3.22 -32.68 -22.80
C SER A 30 -2.35 -32.22 -21.60
N SER A 31 -2.53 -30.96 -21.17
CA SER A 31 -1.77 -30.32 -20.07
C SER A 31 -2.19 -30.81 -18.66
N GLY A 32 -3.28 -31.57 -18.58
CA GLY A 32 -3.81 -32.09 -17.33
C GLY A 32 -4.79 -31.14 -16.66
N ARG A 33 -5.19 -30.09 -17.37
CA ARG A 33 -6.12 -29.10 -16.87
C ARG A 33 -7.58 -29.58 -17.01
N GLN A 34 -8.36 -29.46 -15.93
CA GLN A 34 -9.76 -29.85 -15.85
C GLN A 34 -10.63 -28.72 -16.43
N LEU A 35 -10.97 -28.85 -17.71
CA LEU A 35 -11.71 -27.86 -18.48
C LEU A 35 -13.02 -27.43 -17.87
N SER A 36 -13.71 -28.32 -17.15
CA SER A 36 -14.98 -28.05 -16.50
C SER A 36 -14.90 -27.11 -15.29
N GLU A 37 -13.70 -26.98 -14.68
CA GLU A 37 -13.45 -26.25 -13.44
C GLU A 37 -14.21 -24.93 -13.30
N VAL A 38 -14.04 -24.00 -14.25
CA VAL A 38 -14.73 -22.70 -14.16
C VAL A 38 -16.25 -22.82 -14.38
N PHE A 39 -16.70 -23.89 -15.05
CA PHE A 39 -18.11 -24.10 -15.37
C PHE A 39 -18.96 -24.74 -14.29
N ILE A 40 -18.32 -25.27 -13.25
CA ILE A 40 -18.95 -25.88 -12.11
C ILE A 40 -19.95 -24.93 -11.42
N GLN A 41 -19.55 -23.68 -11.21
CA GLN A 41 -20.34 -22.68 -10.52
C GLN A 41 -20.37 -21.39 -11.32
N LEU A 42 -21.58 -20.87 -11.54
CA LEU A 42 -21.82 -19.62 -12.23
C LEU A 42 -21.27 -18.42 -11.44
N PRO A 43 -20.94 -17.31 -12.11
CA PRO A 43 -20.58 -16.11 -11.35
C PRO A 43 -21.84 -15.57 -10.63
N SER A 44 -21.71 -15.07 -9.40
CA SER A 44 -22.90 -14.56 -8.68
C SER A 44 -23.57 -13.37 -9.42
N ARG A 45 -24.89 -13.16 -9.16
CA ARG A 45 -25.64 -12.05 -9.74
C ARG A 45 -25.13 -10.71 -9.23
N LYS A 46 -24.52 -10.68 -8.03
CA LYS A 46 -23.96 -9.47 -7.44
C LYS A 46 -22.64 -9.07 -8.13
N GLU A 47 -21.71 -10.01 -8.29
CA GLU A 47 -20.43 -9.79 -8.94
C GLU A 47 -20.53 -9.53 -10.45
N LEU A 48 -21.39 -10.28 -11.16
CA LEU A 48 -21.51 -10.10 -12.59
C LEU A 48 -22.98 -10.01 -13.05
N PRO A 49 -23.65 -8.87 -12.76
CA PRO A 49 -25.07 -8.73 -13.15
C PRO A 49 -25.31 -8.76 -14.66
N GLU A 50 -24.31 -8.36 -15.49
CA GLU A 50 -24.41 -8.36 -16.96
C GLU A 50 -24.70 -9.74 -17.52
N TYR A 51 -24.10 -10.78 -16.90
CA TYR A 51 -24.29 -12.18 -17.24
C TYR A 51 -25.76 -12.57 -17.18
N TYR A 52 -26.46 -12.13 -16.13
CA TYR A 52 -27.88 -12.42 -15.92
C TYR A 52 -28.79 -11.51 -16.75
N GLU A 53 -28.25 -10.40 -17.26
CA GLU A 53 -28.99 -9.49 -18.14
C GLU A 53 -28.91 -10.05 -19.58
N LEU A 54 -27.78 -10.70 -19.93
CA LEU A 54 -27.55 -11.26 -21.26
C LEU A 54 -28.01 -12.70 -21.44
N ILE A 55 -27.69 -13.57 -20.48
CA ILE A 55 -28.01 -15.00 -20.50
C ILE A 55 -29.37 -15.24 -19.82
N ARG A 56 -30.39 -15.55 -20.65
CA ARG A 56 -31.76 -15.74 -20.15
C ARG A 56 -31.98 -17.05 -19.39
N LYS A 57 -31.20 -18.12 -19.71
CA LYS A 57 -31.30 -19.39 -19.00
C LYS A 57 -29.94 -19.83 -18.47
N PRO A 58 -29.49 -19.28 -17.31
CA PRO A 58 -28.16 -19.65 -16.81
C PRO A 58 -28.16 -21.02 -16.16
N VAL A 59 -27.10 -21.79 -16.45
CA VAL A 59 -26.87 -23.12 -15.90
C VAL A 59 -25.35 -23.38 -15.72
N ASP A 60 -25.03 -24.24 -14.74
CA ASP A 60 -23.66 -24.65 -14.45
C ASP A 60 -23.67 -26.16 -14.19
N PHE A 61 -22.50 -26.81 -14.03
CA PHE A 61 -22.46 -28.27 -13.82
C PHE A 61 -23.07 -28.73 -12.47
N LYS A 62 -23.01 -27.91 -11.40
CA LYS A 62 -23.67 -28.17 -10.10
C LYS A 62 -25.21 -28.22 -10.28
N LYS A 63 -25.77 -27.30 -11.09
CA LYS A 63 -27.22 -27.27 -11.38
C LYS A 63 -27.62 -28.53 -12.18
N ILE A 64 -26.80 -28.91 -13.18
CA ILE A 64 -27.00 -30.09 -14.01
C ILE A 64 -26.98 -31.36 -13.15
N LYS A 65 -25.98 -31.49 -12.24
CA LYS A 65 -25.88 -32.62 -11.30
C LYS A 65 -27.11 -32.72 -10.40
N GLU A 66 -27.60 -31.57 -9.96
CA GLU A 66 -28.79 -31.46 -9.13
C GLU A 66 -30.06 -31.86 -9.94
N ARG A 67 -30.08 -31.56 -11.25
CA ARG A 67 -31.26 -31.91 -12.04
C ARG A 67 -31.34 -33.44 -12.31
N ILE A 68 -30.19 -34.13 -12.47
CA ILE A 68 -30.11 -35.60 -12.61
C ILE A 68 -30.66 -36.22 -11.30
N ARG A 69 -30.08 -35.78 -10.17
CA ARG A 69 -30.38 -36.21 -8.81
C ARG A 69 -31.86 -36.05 -8.41
N ASN A 70 -32.52 -34.98 -8.87
CA ASN A 70 -33.95 -34.76 -8.55
C ASN A 70 -34.89 -35.29 -9.64
N HIS A 71 -34.34 -35.97 -10.67
CA HIS A 71 -35.05 -36.61 -11.80
C HIS A 71 -35.79 -35.60 -12.70
N LYS A 72 -35.19 -34.41 -12.90
CA LYS A 72 -35.76 -33.39 -13.78
C LYS A 72 -35.59 -33.80 -15.24
N TYR A 73 -34.48 -34.53 -15.57
CA TYR A 73 -34.26 -35.03 -16.93
C TYR A 73 -34.85 -36.44 -17.01
N ARG A 74 -35.77 -36.65 -17.95
CA ARG A 74 -36.45 -37.94 -18.14
C ARG A 74 -35.85 -38.75 -19.30
N SER A 75 -34.71 -38.29 -19.87
CA SER A 75 -33.99 -38.93 -20.98
C SER A 75 -32.59 -38.36 -21.16
N LEU A 76 -31.78 -38.99 -22.04
CA LEU A 76 -30.45 -38.49 -22.37
C LEU A 76 -30.55 -37.19 -23.18
N GLY A 77 -31.59 -37.08 -24.01
CA GLY A 77 -31.93 -35.89 -24.79
C GLY A 77 -32.11 -34.67 -23.89
N ASP A 78 -32.85 -34.83 -22.76
CA ASP A 78 -33.06 -33.80 -21.73
C ASP A 78 -31.72 -33.37 -21.12
N LEU A 79 -30.85 -34.34 -20.77
CA LEU A 79 -29.54 -34.00 -20.24
C LEU A 79 -28.73 -33.23 -21.30
N GLU A 80 -28.69 -33.74 -22.57
CA GLU A 80 -28.00 -33.11 -23.70
C GLU A 80 -28.38 -31.63 -23.88
N LYS A 81 -29.69 -31.33 -23.79
CA LYS A 81 -30.20 -29.96 -23.92
C LYS A 81 -29.57 -28.99 -22.91
N ASP A 82 -29.36 -29.44 -21.67
CA ASP A 82 -28.78 -28.60 -20.63
C ASP A 82 -27.29 -28.40 -20.82
N VAL A 83 -26.55 -29.44 -21.20
CA VAL A 83 -25.12 -29.35 -21.50
C VAL A 83 -24.92 -28.46 -22.74
N MET A 84 -25.83 -28.58 -23.75
CA MET A 84 -25.73 -27.75 -24.95
C MET A 84 -26.03 -26.30 -24.61
N LEU A 85 -26.94 -26.06 -23.65
CA LEU A 85 -27.31 -24.72 -23.17
C LEU A 85 -26.13 -24.06 -22.40
N LEU A 86 -25.44 -24.82 -21.51
CA LEU A 86 -24.26 -24.34 -20.79
C LEU A 86 -23.19 -23.89 -21.79
N CYS A 87 -22.87 -24.74 -22.78
CA CYS A 87 -21.85 -24.43 -23.79
C CYS A 87 -22.20 -23.24 -24.70
N HIS A 88 -23.46 -23.14 -25.11
CA HIS A 88 -23.92 -22.01 -25.93
C HIS A 88 -23.84 -20.69 -25.15
N ASN A 89 -24.19 -20.71 -23.83
CA ASN A 89 -24.14 -19.57 -22.91
C ASN A 89 -22.71 -19.02 -22.81
N ALA A 90 -21.77 -19.95 -22.57
CA ALA A 90 -20.34 -19.74 -22.50
C ALA A 90 -19.86 -19.08 -23.82
N GLN A 91 -20.39 -19.58 -24.96
CA GLN A 91 -20.04 -19.06 -26.28
C GLN A 91 -20.70 -17.70 -26.58
N THR A 92 -21.81 -17.38 -25.88
CA THR A 92 -22.54 -16.13 -26.09
C THR A 92 -21.91 -14.98 -25.29
N PHE A 93 -21.75 -15.15 -23.96
CA PHE A 93 -21.18 -14.14 -23.08
C PHE A 93 -19.70 -13.87 -23.34
N ASN A 94 -18.92 -14.92 -23.62
CA ASN A 94 -17.48 -14.74 -23.81
C ASN A 94 -17.06 -14.63 -25.25
N LEU A 95 -15.95 -13.91 -25.48
CA LEU A 95 -15.36 -13.67 -26.80
C LEU A 95 -14.74 -14.90 -27.39
N GLU A 96 -14.86 -15.04 -28.73
CA GLU A 96 -14.25 -16.11 -29.52
C GLU A 96 -12.72 -16.02 -29.35
N GLY A 97 -12.08 -17.17 -29.16
CA GLY A 97 -10.64 -17.22 -28.91
C GLY A 97 -10.26 -17.20 -27.44
N SER A 98 -11.15 -16.69 -26.52
CA SER A 98 -10.82 -16.71 -25.08
C SER A 98 -10.76 -18.15 -24.58
N GLN A 99 -9.90 -18.44 -23.57
CA GLN A 99 -9.74 -19.80 -23.03
C GLN A 99 -11.08 -20.50 -22.73
N ILE A 100 -11.98 -19.80 -22.01
CA ILE A 100 -13.29 -20.28 -21.57
C ILE A 100 -14.25 -20.66 -22.76
N TYR A 101 -14.22 -19.86 -23.83
CA TYR A 101 -15.00 -20.04 -25.05
C TYR A 101 -14.51 -21.34 -25.71
N GLU A 102 -13.17 -21.48 -25.82
CA GLU A 102 -12.50 -22.64 -26.37
C GLU A 102 -12.78 -23.90 -25.53
N ASP A 103 -12.76 -23.79 -24.19
CA ASP A 103 -13.06 -24.90 -23.26
C ASP A 103 -14.48 -25.43 -23.43
N SER A 104 -15.45 -24.54 -23.67
CA SER A 104 -16.83 -24.95 -23.91
C SER A 104 -16.97 -25.77 -25.23
N ILE A 105 -16.17 -25.42 -26.28
CA ILE A 105 -16.15 -26.15 -27.56
C ILE A 105 -15.72 -27.61 -27.30
N VAL A 106 -14.61 -27.81 -26.57
CA VAL A 106 -14.10 -29.13 -26.23
C VAL A 106 -15.09 -29.94 -25.36
N LEU A 107 -15.74 -29.29 -24.38
CA LEU A 107 -16.66 -29.95 -23.47
C LEU A 107 -17.88 -30.49 -24.19
N GLN A 108 -18.35 -29.72 -25.17
CA GLN A 108 -19.43 -30.05 -26.09
C GLN A 108 -19.08 -31.34 -26.89
N SER A 109 -17.82 -31.45 -27.34
CA SER A 109 -17.33 -32.61 -28.10
C SER A 109 -17.23 -33.82 -27.16
N VAL A 110 -16.62 -33.66 -25.98
CA VAL A 110 -16.50 -34.69 -24.93
C VAL A 110 -17.89 -35.26 -24.58
N PHE A 111 -18.91 -34.38 -24.46
CA PHE A 111 -20.27 -34.81 -24.16
C PHE A 111 -20.80 -35.76 -25.22
N LYS A 112 -20.70 -35.36 -26.49
CA LYS A 112 -21.17 -36.13 -27.65
C LYS A 112 -20.53 -37.52 -27.67
N SER A 113 -19.21 -37.61 -27.49
CA SER A 113 -18.46 -38.88 -27.47
C SER A 113 -18.88 -39.79 -26.32
N ALA A 114 -19.05 -39.20 -25.11
CA ALA A 114 -19.47 -39.93 -23.92
C ALA A 114 -20.88 -40.52 -24.07
N ARG A 115 -21.82 -39.78 -24.72
CA ARG A 115 -23.17 -40.27 -24.98
C ARG A 115 -23.14 -41.47 -25.97
N GLN A 116 -22.26 -41.39 -26.99
CA GLN A 116 -22.11 -42.47 -27.97
C GLN A 116 -21.62 -43.76 -27.30
N LYS A 117 -20.57 -43.65 -26.46
CA LYS A 117 -19.97 -44.76 -25.71
C LYS A 117 -21.00 -45.50 -24.82
N ILE A 118 -21.81 -44.75 -24.07
CA ILE A 118 -22.84 -45.27 -23.18
C ILE A 118 -23.99 -45.94 -23.98
N ALA A 119 -24.31 -45.40 -25.19
CA ALA A 119 -25.35 -45.96 -26.06
C ALA A 119 -24.90 -47.27 -26.76
N LYS A 120 -23.58 -47.52 -26.83
CA LYS A 120 -23.00 -48.72 -27.44
C LYS A 120 -23.05 -49.90 -26.48
N PRO B 10 4.07 -12.32 -22.23
CA PRO B 10 4.31 -11.34 -21.16
C PRO B 10 5.13 -11.93 -20.01
N VAL B 11 6.08 -11.15 -19.50
CA VAL B 11 7.01 -11.57 -18.44
C VAL B 11 6.28 -11.69 -17.10
N LEU B 12 5.46 -10.68 -16.76
CA LEU B 12 4.69 -10.71 -15.52
C LEU B 12 3.28 -11.16 -15.78
N ARG B 13 3.02 -12.42 -15.47
CA ARG B 13 1.73 -13.08 -15.68
C ARG B 13 1.61 -14.25 -14.74
N SER B 14 0.37 -14.71 -14.51
CA SER B 14 0.18 -15.90 -13.70
C SER B 14 0.49 -17.10 -14.55
N VAL B 15 1.12 -18.11 -13.93
CA VAL B 15 1.44 -19.40 -14.53
C VAL B 15 0.12 -20.20 -14.45
N ASN B 16 -0.25 -20.93 -15.53
CA ASN B 16 -1.47 -21.74 -15.51
C ASN B 16 -1.21 -23.00 -14.67
N SER B 17 -1.30 -22.85 -13.34
CA SER B 17 -1.07 -23.93 -12.38
C SER B 17 -2.40 -24.49 -11.87
N ARG B 18 -2.40 -25.75 -11.44
CA ARG B 18 -3.60 -26.36 -10.88
C ARG B 18 -3.37 -26.64 -9.40
N GLU B 19 -2.31 -26.06 -8.80
CA GLU B 19 -1.99 -26.27 -7.39
C GLU B 19 -2.74 -25.27 -6.51
N PRO B 20 -3.79 -25.72 -5.79
CA PRO B 20 -4.56 -24.79 -4.96
C PRO B 20 -3.73 -24.22 -3.83
N SER B 21 -3.98 -22.94 -3.52
CA SER B 21 -3.24 -22.23 -2.50
C SER B 21 -4.12 -21.25 -1.69
N GLN B 22 -4.28 -21.55 -0.40
CA GLN B 22 -5.04 -20.67 0.50
C GLN B 22 -4.16 -19.56 1.00
N VAL B 23 -4.69 -18.34 0.92
CA VAL B 23 -4.00 -17.13 1.28
C VAL B 23 -4.87 -16.32 2.25
N ILE B 24 -4.22 -15.63 3.16
CA ILE B 24 -4.88 -14.66 4.00
C ILE B 24 -4.43 -13.29 3.47
N PHE B 25 -5.36 -12.52 2.90
CA PHE B 25 -5.11 -11.16 2.41
C PHE B 25 -5.35 -10.28 3.63
N CYS B 26 -4.26 -9.83 4.27
CA CYS B 26 -4.29 -9.06 5.51
C CYS B 26 -3.97 -7.56 5.34
N ASN B 27 -5.02 -6.71 5.39
CA ASN B 27 -4.86 -5.27 5.17
C ASN B 27 -4.36 -4.56 6.43
N ARG B 28 -3.03 -4.34 6.47
CA ARG B 28 -2.32 -3.70 7.59
C ARG B 28 -1.92 -2.28 7.17
N SER B 29 -2.83 -1.60 6.49
CA SER B 29 -2.66 -0.25 5.97
C SER B 29 -3.93 0.58 6.30
N PRO B 30 -3.85 1.94 6.32
CA PRO B 30 -5.05 2.73 6.61
C PRO B 30 -5.95 2.97 5.38
N ARG B 31 -5.64 2.33 4.27
CA ARG B 31 -6.34 2.50 2.99
C ARG B 31 -7.27 1.33 2.69
N VAL B 32 -8.23 1.56 1.77
CA VAL B 32 -9.12 0.54 1.21
C VAL B 32 -8.24 -0.07 0.11
N VAL B 33 -8.01 -1.38 0.19
CA VAL B 33 -7.10 -2.08 -0.70
C VAL B 33 -7.77 -2.74 -1.85
N LEU B 34 -7.24 -2.51 -3.06
CA LEU B 34 -7.68 -3.20 -4.24
C LEU B 34 -6.65 -4.31 -4.59
N PRO B 35 -7.01 -5.60 -4.39
CA PRO B 35 -6.15 -6.70 -4.86
C PRO B 35 -6.29 -6.79 -6.39
N VAL B 36 -5.18 -6.98 -7.09
CA VAL B 36 -5.12 -7.07 -8.54
C VAL B 36 -4.47 -8.40 -8.92
N TRP B 37 -5.21 -9.27 -9.64
CA TRP B 37 -4.66 -10.53 -10.11
C TRP B 37 -4.19 -10.38 -11.53
N LEU B 38 -2.91 -10.75 -11.80
CA LEU B 38 -2.41 -10.74 -13.17
C LEU B 38 -2.86 -12.04 -13.82
N ASN B 39 -3.61 -11.94 -14.92
CA ASN B 39 -4.07 -13.18 -15.53
C ASN B 39 -2.95 -13.88 -16.33
N PHE B 40 -3.26 -15.06 -16.87
CA PHE B 40 -2.39 -15.90 -17.71
C PHE B 40 -1.84 -15.13 -18.95
N ASP B 41 -2.50 -14.04 -19.34
CA ASP B 41 -2.09 -13.17 -20.44
C ASP B 41 -1.49 -11.84 -19.94
N GLY B 42 -1.10 -11.80 -18.66
CA GLY B 42 -0.47 -10.66 -18.00
C GLY B 42 -1.31 -9.43 -17.82
N GLU B 43 -2.62 -9.55 -18.10
CA GLU B 43 -3.57 -8.43 -17.96
C GLU B 43 -4.10 -8.33 -16.52
N PRO B 44 -4.05 -7.11 -15.92
CA PRO B 44 -4.55 -6.94 -14.55
C PRO B 44 -6.07 -7.11 -14.40
N GLN B 45 -6.49 -7.85 -13.36
CA GLN B 45 -7.88 -8.14 -13.03
C GLN B 45 -8.20 -7.66 -11.61
N PRO B 46 -9.12 -6.66 -11.49
CA PRO B 46 -9.47 -6.14 -10.16
C PRO B 46 -10.40 -7.08 -9.38
N TYR B 47 -10.10 -7.27 -8.10
CA TYR B 47 -10.84 -8.20 -7.25
C TYR B 47 -11.57 -7.45 -6.13
N PRO B 48 -12.47 -8.07 -5.32
CA PRO B 48 -13.14 -7.30 -4.27
C PRO B 48 -12.17 -6.58 -3.32
N THR B 49 -12.49 -5.33 -3.01
CA THR B 49 -11.65 -4.49 -2.15
C THR B 49 -11.65 -4.93 -0.68
N LEU B 50 -10.61 -4.53 0.05
CA LEU B 50 -10.43 -4.85 1.47
C LEU B 50 -10.42 -3.58 2.26
N PRO B 51 -11.45 -3.37 3.11
CA PRO B 51 -11.46 -2.20 3.99
C PRO B 51 -10.20 -2.13 4.89
N PRO B 52 -9.78 -0.95 5.38
CA PRO B 52 -8.63 -0.92 6.33
C PRO B 52 -8.86 -1.79 7.58
N GLY B 53 -7.80 -2.44 8.02
CA GLY B 53 -7.78 -3.27 9.23
C GLY B 53 -8.55 -4.58 9.15
N THR B 54 -8.69 -5.13 7.95
CA THR B 54 -9.42 -6.37 7.75
C THR B 54 -8.55 -7.43 7.06
N GLY B 55 -9.00 -8.66 7.15
CA GLY B 55 -8.36 -9.82 6.53
C GLY B 55 -9.40 -10.76 5.98
N ARG B 56 -9.10 -11.40 4.83
CA ARG B 56 -9.93 -12.40 4.20
C ARG B 56 -9.09 -13.62 3.81
N ARG B 57 -9.61 -14.82 4.09
CA ARG B 57 -9.03 -16.11 3.69
C ARG B 57 -9.60 -16.32 2.29
N ILE B 58 -8.73 -16.47 1.29
CA ILE B 58 -9.11 -16.54 -0.12
C ILE B 58 -8.49 -17.72 -0.85
N HIS B 59 -9.10 -18.09 -1.97
CA HIS B 59 -8.64 -19.21 -2.77
C HIS B 59 -7.86 -18.75 -3.99
N SER B 60 -6.60 -19.18 -4.03
CA SER B 60 -5.72 -18.87 -5.16
C SER B 60 -4.97 -20.14 -5.55
N TYR B 61 -3.96 -19.98 -6.40
CA TYR B 61 -3.16 -21.05 -6.97
C TYR B 61 -1.70 -20.69 -6.86
N ARG B 62 -0.84 -21.70 -6.65
CA ARG B 62 0.61 -21.53 -6.59
C ARG B 62 1.05 -20.93 -7.92
N GLY B 63 1.95 -19.96 -7.89
CA GLY B 63 2.43 -19.36 -9.14
C GLY B 63 1.58 -18.22 -9.68
N HIS B 64 0.43 -17.96 -9.05
CA HIS B 64 -0.44 -16.84 -9.44
C HIS B 64 0.12 -15.51 -8.95
N LEU B 65 0.05 -14.45 -9.78
CA LEU B 65 0.63 -13.13 -9.50
C LEU B 65 -0.37 -12.10 -9.05
N TRP B 66 -0.08 -11.48 -7.90
CA TRP B 66 -0.92 -10.46 -7.32
C TRP B 66 -0.19 -9.16 -7.03
N LEU B 67 -0.92 -8.04 -7.16
CA LEU B 67 -0.48 -6.66 -6.87
C LEU B 67 -1.55 -6.03 -5.96
N PHE B 68 -1.18 -5.00 -5.19
CA PHE B 68 -2.11 -4.32 -4.26
C PHE B 68 -2.05 -2.80 -4.38
N ARG B 69 -3.21 -2.18 -4.57
CA ARG B 69 -3.28 -0.75 -4.74
C ARG B 69 -4.26 -0.08 -3.82
N ASP B 70 -4.18 1.25 -3.68
CA ASP B 70 -5.20 1.96 -2.93
C ASP B 70 -6.41 1.89 -3.90
N ALA B 71 -7.58 1.44 -3.43
CA ALA B 71 -8.76 1.30 -4.29
C ALA B 71 -9.23 2.63 -4.93
N GLY B 72 -9.16 3.72 -4.16
CA GLY B 72 -9.58 5.04 -4.62
C GLY B 72 -8.65 5.76 -5.57
N THR B 73 -7.33 5.73 -5.29
CA THR B 73 -6.34 6.48 -6.05
C THR B 73 -5.39 5.64 -6.92
N HIS B 74 -5.32 4.33 -6.66
CA HIS B 74 -4.37 3.42 -7.30
C HIS B 74 -2.93 3.65 -6.78
N ASP B 75 -2.74 4.31 -5.61
CA ASP B 75 -1.39 4.46 -5.03
C ASP B 75 -0.84 3.02 -4.78
N GLY B 76 0.45 2.82 -4.99
CA GLY B 76 1.11 1.53 -4.84
C GLY B 76 1.24 1.07 -3.40
N LEU B 77 1.04 -0.23 -3.17
CA LEU B 77 1.16 -0.76 -1.81
C LEU B 77 2.14 -1.90 -1.79
N LEU B 78 2.60 -2.28 -0.64
CA LEU B 78 3.52 -3.41 -0.56
C LEU B 78 2.83 -4.58 0.06
N VAL B 79 3.30 -5.77 -0.31
CA VAL B 79 2.81 -7.05 0.18
C VAL B 79 4.00 -7.91 0.58
N ASN B 80 4.14 -8.16 1.89
CA ASN B 80 5.27 -8.89 2.47
C ASN B 80 6.59 -8.15 2.18
N GLN B 81 6.51 -6.79 2.15
CA GLN B 81 7.58 -5.82 1.95
C GLN B 81 8.07 -5.75 0.48
N THR B 82 7.21 -6.18 -0.47
CA THR B 82 7.58 -6.13 -1.88
C THR B 82 6.37 -5.75 -2.78
N GLU B 83 6.60 -5.57 -4.08
CA GLU B 83 5.52 -5.16 -5.00
C GLU B 83 4.64 -6.29 -5.50
N LEU B 84 5.18 -7.49 -5.68
CA LEU B 84 4.35 -8.59 -6.20
C LEU B 84 4.27 -9.71 -5.22
N PHE B 85 3.13 -10.37 -5.19
CA PHE B 85 2.89 -11.50 -4.34
C PHE B 85 2.60 -12.71 -5.19
N VAL B 86 3.24 -13.83 -4.81
CA VAL B 86 3.10 -15.12 -5.46
C VAL B 86 2.84 -16.21 -4.40
N PRO B 87 1.63 -16.81 -4.34
CA PRO B 87 1.40 -17.93 -3.40
C PRO B 87 2.41 -19.06 -3.63
N SER B 88 3.07 -19.52 -2.56
CA SER B 88 4.14 -20.51 -2.65
C SER B 88 3.81 -21.79 -1.84
N LEU B 89 4.75 -22.26 -0.98
CA LEU B 89 4.57 -23.48 -0.18
C LEU B 89 3.72 -23.28 1.08
N ASN B 90 2.60 -24.02 1.18
CA ASN B 90 1.71 -24.00 2.35
C ASN B 90 2.25 -24.99 3.41
N VAL B 91 3.00 -24.45 4.38
CA VAL B 91 3.64 -25.20 5.45
C VAL B 91 2.59 -25.88 6.33
N ASP B 92 2.61 -27.24 6.39
CA ASP B 92 1.69 -28.05 7.20
C ASP B 92 0.20 -27.59 7.14
N GLY B 93 -0.30 -27.41 5.92
CA GLY B 93 -1.68 -26.99 5.69
C GLY B 93 -1.94 -25.49 5.70
N GLN B 94 -1.29 -24.75 6.66
CA GLN B 94 -1.43 -23.30 6.91
C GLN B 94 -1.64 -22.46 5.66
N PRO B 95 -2.52 -21.45 5.74
CA PRO B 95 -2.65 -20.52 4.60
C PRO B 95 -1.44 -19.60 4.55
N ILE B 96 -1.09 -19.09 3.35
CA ILE B 96 0.03 -18.15 3.20
C ILE B 96 -0.47 -16.77 3.66
N PHE B 97 0.33 -16.04 4.43
CA PHE B 97 -0.04 -14.68 4.83
C PHE B 97 0.50 -13.64 3.84
N ALA B 98 -0.40 -12.84 3.28
CA ALA B 98 -0.07 -11.73 2.38
C ALA B 98 -0.33 -10.43 3.17
N ASN B 99 0.70 -9.96 3.88
CA ASN B 99 0.67 -8.74 4.69
C ASN B 99 0.79 -7.51 3.82
N ILE B 100 -0.34 -6.83 3.65
CA ILE B 100 -0.44 -5.66 2.79
C ILE B 100 -0.20 -4.37 3.60
N THR B 101 0.83 -3.60 3.24
CA THR B 101 1.17 -2.39 4.00
C THR B 101 1.45 -1.20 3.09
N LEU B 102 1.52 -0.02 3.72
CA LEU B 102 1.89 1.21 3.03
C LEU B 102 3.38 1.16 2.78
N PRO B 103 3.87 1.61 1.62
CA PRO B 103 5.33 1.76 1.49
C PRO B 103 5.77 3.02 2.26
N VAL B 104 7.08 3.19 2.46
CA VAL B 104 7.60 4.44 2.99
C VAL B 104 7.68 5.26 1.72
N TYR B 105 6.66 6.07 1.43
CA TYR B 105 6.65 6.87 0.23
C TYR B 105 7.69 7.99 0.33
N THR B 106 8.18 8.52 -0.81
CA THR B 106 9.07 9.70 -0.79
C THR B 106 8.15 10.86 -0.39
N LEU B 107 8.72 11.90 0.23
CA LEU B 107 7.95 13.09 0.63
C LEU B 107 7.25 13.68 -0.57
N LYS B 108 7.95 13.77 -1.73
CA LYS B 108 7.34 14.26 -2.96
C LYS B 108 6.11 13.45 -3.35
N GLU B 109 6.23 12.09 -3.40
CA GLU B 109 5.06 11.30 -3.79
C GLU B 109 3.93 11.44 -2.73
N ARG B 110 4.27 11.47 -1.42
CA ARG B 110 3.26 11.66 -0.39
C ARG B 110 2.53 13.02 -0.56
N CYS B 111 3.28 14.12 -0.86
CA CYS B 111 2.71 15.46 -1.07
C CYS B 111 1.80 15.48 -2.26
N LEU B 112 2.20 14.78 -3.36
CA LEU B 112 1.43 14.69 -4.59
C LEU B 112 0.07 14.07 -4.32
N GLN B 113 0.04 13.01 -3.49
CA GLN B 113 -1.16 12.27 -3.05
C GLN B 113 -2.16 13.21 -2.38
N VAL B 114 -1.69 13.99 -1.40
CA VAL B 114 -2.48 14.93 -0.62
C VAL B 114 -3.00 16.06 -1.53
N VAL B 115 -2.14 16.61 -2.38
CA VAL B 115 -2.59 17.70 -3.27
C VAL B 115 -3.68 17.17 -4.22
N ARG B 116 -3.55 15.89 -4.69
CA ARG B 116 -4.50 15.21 -5.58
C ARG B 116 -5.85 15.00 -4.93
N SER B 117 -5.85 14.67 -3.62
CA SER B 117 -7.08 14.48 -2.85
C SER B 117 -7.83 15.79 -2.61
N LEU B 118 -7.14 16.93 -2.73
CA LEU B 118 -7.72 18.24 -2.43
C LEU B 118 -8.09 19.11 -3.64
N VAL B 119 -7.50 18.85 -4.81
CA VAL B 119 -7.70 19.64 -6.03
C VAL B 119 -8.29 18.73 -7.12
N LYS B 120 -9.24 19.25 -7.91
CA LYS B 120 -9.77 18.48 -9.05
C LYS B 120 -8.74 18.54 -10.19
N PRO B 121 -8.54 17.46 -11.00
CA PRO B 121 -7.51 17.51 -12.07
C PRO B 121 -7.54 18.75 -12.96
N GLU B 122 -8.75 19.22 -13.34
CA GLU B 122 -9.02 20.41 -14.14
C GLU B 122 -8.39 21.67 -13.52
N ASN B 123 -8.30 21.71 -12.18
CA ASN B 123 -7.78 22.85 -11.43
C ASN B 123 -6.28 22.76 -11.06
N TYR B 124 -5.59 21.67 -11.46
CA TYR B 124 -4.15 21.50 -11.15
C TYR B 124 -3.29 22.68 -11.60
N ARG B 125 -3.57 23.22 -12.81
CA ARG B 125 -2.74 24.28 -13.40
C ARG B 125 -3.09 25.70 -12.89
N ARG B 126 -4.03 25.81 -11.94
CA ARG B 126 -4.42 27.04 -11.26
C ARG B 126 -3.58 27.18 -9.97
N LEU B 127 -2.79 26.15 -9.64
CA LEU B 127 -1.92 26.18 -8.47
C LEU B 127 -0.65 26.97 -8.82
N ASP B 128 -0.09 27.73 -7.85
CA ASP B 128 1.13 28.53 -8.08
C ASP B 128 2.38 27.71 -7.69
N ILE B 129 2.78 26.79 -8.58
CA ILE B 129 3.92 25.88 -8.39
C ILE B 129 4.79 25.82 -9.64
N VAL B 130 6.03 25.27 -9.53
CA VAL B 130 6.97 25.12 -10.66
C VAL B 130 6.32 24.20 -11.73
N ARG B 131 6.55 24.51 -13.00
CA ARG B 131 5.96 23.82 -14.15
C ARG B 131 6.04 22.28 -14.16
N SER B 132 7.17 21.68 -13.73
CA SER B 132 7.30 20.21 -13.74
C SER B 132 6.38 19.50 -12.74
N LEU B 133 5.98 20.22 -11.66
CA LEU B 133 5.07 19.70 -10.65
C LEU B 133 3.65 19.49 -11.23
N TYR B 134 3.25 20.26 -12.25
CA TYR B 134 1.95 20.04 -12.89
C TYR B 134 1.98 18.67 -13.57
N GLU B 135 3.10 18.36 -14.25
CA GLU B 135 3.33 17.08 -14.95
C GLU B 135 3.29 15.90 -13.97
N ASP B 136 3.90 16.06 -12.79
CA ASP B 136 3.88 15.06 -11.72
C ASP B 136 2.47 14.87 -11.14
N LEU B 137 1.69 15.98 -10.98
CA LEU B 137 0.33 15.91 -10.48
C LEU B 137 -0.54 15.07 -11.42
N GLU B 138 -0.40 15.36 -12.72
CA GLU B 138 -1.13 14.67 -13.78
C GLU B 138 -0.65 13.22 -14.02
N ASP B 139 0.57 12.88 -13.58
CA ASP B 139 1.05 11.52 -13.73
C ASP B 139 0.50 10.64 -12.59
N HIS B 140 -0.83 10.43 -12.66
CA HIS B 140 -1.62 9.66 -11.73
C HIS B 140 -1.11 8.22 -11.62
N PRO B 141 -1.09 7.66 -10.40
CA PRO B 141 -0.67 6.25 -10.24
C PRO B 141 -1.61 5.31 -10.99
N ASN B 142 -1.02 4.37 -11.74
CA ASN B 142 -1.78 3.44 -12.57
C ASN B 142 -1.14 2.05 -12.60
N VAL B 143 -1.97 1.00 -12.50
CA VAL B 143 -1.51 -0.41 -12.51
C VAL B 143 -0.65 -0.70 -13.75
N GLN B 144 -1.15 -0.35 -14.94
CA GLN B 144 -0.48 -0.57 -16.24
C GLN B 144 0.86 0.13 -16.35
N LYS B 145 0.96 1.34 -15.78
CA LYS B 145 2.19 2.12 -15.72
C LYS B 145 3.23 1.38 -14.87
N ASP B 146 2.83 0.94 -13.66
CA ASP B 146 3.69 0.23 -12.71
C ASP B 146 4.15 -1.12 -13.21
N LEU B 147 3.27 -1.82 -13.96
CA LEU B 147 3.57 -3.09 -14.60
C LEU B 147 4.69 -2.96 -15.62
N GLU B 148 4.64 -1.90 -16.46
CA GLU B 148 5.63 -1.63 -17.51
C GLU B 148 7.01 -1.43 -16.90
N ARG B 149 7.08 -0.68 -15.77
CA ARG B 149 8.30 -0.43 -15.02
C ARG B 149 8.82 -1.76 -14.43
N LEU B 150 7.93 -2.57 -13.84
CA LEU B 150 8.27 -3.86 -13.22
C LEU B 150 8.74 -4.89 -14.22
N THR B 151 8.18 -4.84 -15.45
CA THR B 151 8.56 -5.71 -16.57
C THR B 151 10.03 -5.45 -16.92
N GLN B 152 10.41 -4.16 -17.07
CA GLN B 152 11.79 -3.73 -17.36
C GLN B 152 12.73 -4.16 -16.24
N GLU B 153 12.31 -3.94 -14.97
CA GLU B 153 13.04 -4.30 -13.75
C GLU B 153 13.34 -5.81 -13.70
N ARG B 154 12.32 -6.65 -14.02
CA ARG B 154 12.45 -8.11 -14.05
C ARG B 154 13.37 -8.59 -15.18
N ILE B 155 13.28 -7.96 -16.37
CA ILE B 155 14.08 -8.25 -17.56
C ILE B 155 15.58 -7.95 -17.31
N ALA B 156 15.87 -6.83 -16.62
CA ALA B 156 17.23 -6.41 -16.27
C ALA B 156 17.93 -7.41 -15.33
N HIS B 157 17.16 -8.04 -14.41
CA HIS B 157 17.67 -9.06 -13.48
C HIS B 157 18.05 -10.34 -14.23
N GLN B 158 17.20 -10.75 -15.20
CA GLN B 158 17.41 -11.92 -16.05
C GLN B 158 18.40 -11.59 -17.17
N MET C 1 27.64 10.33 16.53
CA MET C 1 26.80 10.88 15.48
C MET C 1 27.12 12.36 15.18
N MET C 2 27.09 12.69 13.89
CA MET C 2 27.34 14.05 13.44
C MET C 2 25.99 14.73 13.24
N TYR C 3 25.99 16.04 13.43
CA TYR C 3 24.81 16.86 13.29
C TYR C 3 24.97 17.94 12.26
N VAL C 4 23.87 18.30 11.60
CA VAL C 4 23.89 19.40 10.65
C VAL C 4 22.80 20.40 11.07
N LYS C 5 22.99 21.67 10.71
CA LYS C 5 22.05 22.71 11.06
C LYS C 5 21.32 23.18 9.80
N LEU C 6 20.01 23.05 9.78
CA LEU C 6 19.22 23.50 8.63
C LEU C 6 18.49 24.76 9.05
N ILE C 7 18.67 25.85 8.29
CA ILE C 7 18.12 27.15 8.67
C ILE C 7 17.02 27.61 7.70
N SER C 8 15.83 27.88 8.28
CA SER C 8 14.65 28.32 7.53
C SER C 8 14.80 29.77 7.09
N SER C 9 13.95 30.19 6.10
CA SER C 9 13.91 31.55 5.57
C SER C 9 13.75 32.62 6.69
N ASP C 10 13.01 32.27 7.75
CA ASP C 10 12.70 33.11 8.91
C ASP C 10 13.69 32.92 10.09
N GLY C 11 14.82 32.26 9.84
CA GLY C 11 15.89 32.13 10.83
C GLY C 11 15.75 31.08 11.91
N HIS C 12 14.85 30.09 11.72
CA HIS C 12 14.72 28.98 12.67
C HIS C 12 15.82 27.96 12.33
N GLU C 13 16.46 27.43 13.36
CA GLU C 13 17.55 26.47 13.22
C GLU C 13 17.08 25.10 13.61
N PHE C 14 17.21 24.13 12.71
CA PHE C 14 16.82 22.75 12.96
C PHE C 14 18.05 21.88 12.98
N ILE C 15 18.33 21.28 14.11
CA ILE C 15 19.51 20.42 14.26
C ILE C 15 19.09 18.96 14.09
N VAL C 16 19.57 18.35 13.03
CA VAL C 16 19.23 16.96 12.73
C VAL C 16 20.49 16.12 12.57
N LYS C 17 20.35 14.79 12.70
CA LYS C 17 21.47 13.87 12.47
C LYS C 17 21.86 13.99 10.99
N ARG C 18 23.18 14.15 10.74
CA ARG C 18 23.79 14.24 9.41
C ARG C 18 23.15 13.19 8.44
N GLU C 19 23.06 11.94 8.90
CA GLU C 19 22.45 10.80 8.21
C GLU C 19 21.03 11.10 7.72
N HIS C 20 20.20 11.71 8.61
CA HIS C 20 18.83 12.07 8.29
C HIS C 20 18.81 13.14 7.22
N ALA C 21 19.68 14.16 7.31
CA ALA C 21 19.70 15.23 6.32
C ALA C 21 20.20 14.78 4.92
N LEU C 22 21.11 13.76 4.90
CA LEU C 22 21.69 13.26 3.64
C LEU C 22 20.69 12.44 2.81
N THR C 23 19.45 12.21 3.35
CA THR C 23 18.27 11.64 2.67
C THR C 23 18.04 12.49 1.40
N SER C 24 18.30 13.81 1.52
CA SER C 24 18.22 14.79 0.44
C SER C 24 19.54 14.96 -0.28
N GLY C 25 19.51 14.74 -1.60
CA GLY C 25 20.63 14.96 -2.51
C GLY C 25 20.99 16.43 -2.59
N THR C 26 19.95 17.33 -2.56
CA THR C 26 20.10 18.81 -2.54
C THR C 26 20.91 19.27 -1.30
N ILE C 27 20.53 18.77 -0.09
CA ILE C 27 21.22 19.07 1.18
C ILE C 27 22.66 18.57 1.12
N LYS C 28 22.87 17.35 0.60
CA LYS C 28 24.18 16.74 0.42
C LYS C 28 25.05 17.64 -0.45
N ALA C 29 24.49 18.10 -1.61
CA ALA C 29 25.11 19.04 -2.54
C ALA C 29 25.39 20.41 -1.86
N MET C 30 24.52 20.85 -0.91
CA MET C 30 24.85 22.14 -0.31
C MET C 30 25.68 21.99 0.99
N LEU C 31 25.99 20.76 1.45
CA LEU C 31 26.91 20.53 2.57
C LEU C 31 28.33 20.30 2.02
N SER C 32 28.47 20.26 0.67
CA SER C 32 29.74 20.05 -0.03
C SER C 32 30.10 21.19 -1.01
N GLY C 33 29.53 22.38 -0.78
CA GLY C 33 29.78 23.56 -1.61
C GLY C 33 28.75 24.67 -1.47
N PRO C 34 29.10 25.83 -0.87
CA PRO C 34 28.12 26.93 -0.75
C PRO C 34 28.04 27.79 -2.01
N ASN C 40 26.69 29.97 7.37
CA ASN C 40 28.08 30.33 7.05
C ASN C 40 29.08 29.26 7.53
N GLU C 41 28.78 28.61 8.69
CA GLU C 41 29.61 27.57 9.32
C GLU C 41 29.60 26.23 8.55
N THR C 42 30.59 25.36 8.85
CA THR C 42 30.88 24.06 8.23
C THR C 42 29.64 23.15 7.91
N ASN C 43 28.80 22.83 8.91
CA ASN C 43 27.67 21.95 8.67
C ASN C 43 26.30 22.65 8.81
N GLU C 44 26.23 23.90 8.34
CA GLU C 44 25.02 24.70 8.37
C GLU C 44 24.56 24.98 6.96
N VAL C 45 23.29 24.77 6.66
CA VAL C 45 22.72 25.03 5.36
C VAL C 45 21.57 26.02 5.54
N ASN C 46 21.52 27.08 4.71
CA ASN C 46 20.47 28.07 4.79
C ASN C 46 19.48 27.94 3.61
N PHE C 47 18.18 27.90 3.90
CA PHE C 47 17.13 27.83 2.88
C PHE C 47 16.38 29.15 2.80
N ARG C 48 16.74 29.95 1.79
CA ARG C 48 16.18 31.29 1.58
C ARG C 48 14.68 31.30 1.30
N GLU C 49 14.10 30.19 0.83
CA GLU C 49 12.66 30.21 0.54
C GLU C 49 11.84 29.10 1.23
N ILE C 50 12.47 28.37 2.18
CA ILE C 50 11.76 27.34 2.92
C ILE C 50 11.41 27.85 4.33
N PRO C 51 10.11 28.14 4.59
CA PRO C 51 9.73 28.64 5.92
C PRO C 51 9.77 27.56 7.00
N SER C 52 9.88 27.98 8.26
CA SER C 52 9.97 27.09 9.42
C SER C 52 8.79 26.11 9.58
N HIS C 53 7.54 26.48 9.23
CA HIS C 53 6.43 25.50 9.31
C HIS C 53 6.59 24.37 8.30
N VAL C 54 7.29 24.64 7.20
CA VAL C 54 7.57 23.64 6.17
C VAL C 54 8.86 22.86 6.51
N LEU C 55 9.95 23.54 6.90
CA LEU C 55 11.22 22.87 7.21
C LEU C 55 11.09 21.85 8.35
N SER C 56 10.28 22.20 9.38
CA SER C 56 9.99 21.37 10.56
C SER C 56 9.35 20.01 10.17
N LYS C 57 8.41 20.06 9.21
CA LYS C 57 7.74 18.91 8.62
C LYS C 57 8.71 18.06 7.79
N VAL C 58 9.65 18.72 7.09
CA VAL C 58 10.69 18.06 6.30
C VAL C 58 11.58 17.25 7.26
N CYS C 59 11.94 17.82 8.42
CA CYS C 59 12.76 17.13 9.42
C CYS C 59 12.03 15.96 10.05
N MET C 60 10.70 16.08 10.21
CA MET C 60 9.85 15.02 10.72
C MET C 60 9.83 13.88 9.73
N TYR C 61 9.70 14.24 8.43
CA TYR C 61 9.79 13.29 7.32
C TYR C 61 11.16 12.54 7.32
N PHE C 62 12.29 13.25 7.52
CA PHE C 62 13.59 12.51 7.55
C PHE C 62 13.60 11.48 8.65
N THR C 63 13.04 11.83 9.82
CA THR C 63 12.95 10.91 10.97
C THR C 63 12.03 9.69 10.63
N TYR C 64 10.82 9.99 10.12
CA TYR C 64 9.83 8.99 9.73
C TYR C 64 10.45 8.00 8.73
N LYS C 65 11.14 8.51 7.71
CA LYS C 65 11.76 7.69 6.68
C LYS C 65 12.86 6.75 7.24
N VAL C 66 13.72 7.28 8.12
CA VAL C 66 14.83 6.54 8.72
C VAL C 66 14.30 5.45 9.65
N ARG C 67 13.32 5.78 10.48
CA ARG C 67 12.69 4.80 11.37
C ARG C 67 11.92 3.68 10.59
N TYR C 68 11.12 4.04 9.59
CA TYR C 68 10.27 3.04 8.95
C TYR C 68 10.87 2.32 7.75
N THR C 69 11.98 2.79 7.15
CA THR C 69 12.65 2.08 6.06
C THR C 69 13.28 0.80 6.65
N ASN C 70 13.14 -0.34 5.93
CA ASN C 70 13.65 -1.67 6.35
C ASN C 70 13.17 -2.06 7.76
N SER C 71 11.83 -2.10 7.95
CA SER C 71 11.24 -2.43 9.23
C SER C 71 9.99 -3.31 9.09
N SER C 72 9.93 -4.37 9.92
CA SER C 72 8.79 -5.31 9.99
C SER C 72 7.82 -4.80 11.06
N THR C 73 7.05 -3.77 10.68
CA THR C 73 6.06 -3.07 11.51
C THR C 73 5.01 -2.47 10.57
N GLU C 74 3.78 -2.27 11.07
CA GLU C 74 2.75 -1.60 10.30
C GLU C 74 3.19 -0.14 10.21
N ILE C 75 3.33 0.35 8.99
CA ILE C 75 3.78 1.70 8.69
C ILE C 75 2.60 2.66 8.75
N PRO C 76 2.67 3.71 9.61
CA PRO C 76 1.58 4.69 9.66
C PRO C 76 1.65 5.65 8.47
N GLU C 77 0.55 6.32 8.15
CA GLU C 77 0.51 7.32 7.11
C GLU C 77 1.35 8.55 7.55
N PHE C 78 2.08 9.18 6.59
CA PHE C 78 2.82 10.41 6.95
C PHE C 78 1.75 11.53 6.82
N PRO C 79 1.36 12.17 7.93
CA PRO C 79 0.26 13.16 7.85
C PRO C 79 0.73 14.51 7.34
N ILE C 80 -0.11 15.13 6.49
CA ILE C 80 0.17 16.43 5.88
C ILE C 80 -1.14 17.19 5.85
N ALA C 81 -1.22 18.24 6.66
CA ALA C 81 -2.41 19.13 6.75
C ALA C 81 -2.66 19.86 5.41
N PRO C 82 -3.93 20.02 4.95
CA PRO C 82 -4.17 20.74 3.68
C PRO C 82 -3.42 22.07 3.52
N GLU C 83 -3.37 22.92 4.57
CA GLU C 83 -2.73 24.25 4.58
C GLU C 83 -1.23 24.25 4.32
N ILE C 84 -0.51 23.17 4.64
CA ILE C 84 0.92 23.16 4.38
C ILE C 84 1.28 22.36 3.09
N ALA C 85 0.27 21.68 2.49
CA ALA C 85 0.39 20.75 1.36
C ALA C 85 1.14 21.27 0.12
N LEU C 86 0.83 22.50 -0.36
CA LEU C 86 1.48 23.05 -1.55
C LEU C 86 2.93 23.40 -1.29
N GLU C 87 3.18 24.10 -0.19
CA GLU C 87 4.52 24.55 0.21
C GLU C 87 5.38 23.37 0.54
N LEU C 88 4.78 22.28 1.07
CA LEU C 88 5.54 21.08 1.39
C LEU C 88 5.91 20.35 0.10
N LEU C 89 5.02 20.47 -0.92
CA LEU C 89 5.26 19.89 -2.24
C LEU C 89 6.41 20.59 -2.97
N MET C 90 6.45 21.92 -2.86
CA MET C 90 7.47 22.79 -3.44
C MET C 90 8.85 22.48 -2.86
N ALA C 91 8.95 22.35 -1.53
CA ALA C 91 10.21 22.05 -0.84
C ALA C 91 10.66 20.61 -1.12
N ALA C 92 9.74 19.64 -1.03
CA ALA C 92 10.06 18.23 -1.29
C ALA C 92 10.58 18.08 -2.73
N ASN C 93 10.03 18.89 -3.66
CA ASN C 93 10.49 18.90 -5.02
C ASN C 93 11.91 19.42 -5.10
N PHE C 94 12.17 20.63 -4.54
CA PHE C 94 13.47 21.26 -4.49
C PHE C 94 14.53 20.35 -3.86
N LEU C 95 14.20 19.77 -2.71
CA LEU C 95 15.04 18.86 -1.93
C LEU C 95 15.22 17.48 -2.51
N ASP C 96 14.28 17.06 -3.39
CA ASP C 96 14.23 15.72 -4.01
C ASP C 96 14.06 14.63 -2.90
N CYS C 97 13.02 14.82 -2.07
CA CYS C 97 12.65 13.91 -0.98
C CYS C 97 11.24 13.39 -1.10
N MET D 1 11.76 0.51 23.61
CA MET D 1 10.82 1.49 23.07
C MET D 1 11.52 2.82 22.78
N ASP D 2 11.36 3.32 21.54
CA ASP D 2 11.97 4.58 21.10
C ASP D 2 10.99 5.75 21.11
N VAL D 3 11.46 6.89 21.64
CA VAL D 3 10.70 8.14 21.70
C VAL D 3 11.31 9.16 20.77
N PHE D 4 10.48 9.83 20.00
CA PHE D 4 10.94 10.83 19.04
C PHE D 4 10.63 12.24 19.55
N LEU D 5 11.71 13.03 19.75
CA LEU D 5 11.64 14.34 20.37
C LEU D 5 12.07 15.55 19.56
N MET D 6 11.43 16.70 19.89
CA MET D 6 11.79 18.04 19.40
C MET D 6 12.25 18.83 20.63
N ILE D 7 13.57 19.11 20.76
CA ILE D 7 14.09 19.88 21.90
C ILE D 7 14.17 21.32 21.43
N ARG D 8 13.40 22.20 22.05
CA ARG D 8 13.26 23.56 21.53
C ARG D 8 13.60 24.65 22.51
N ARG D 9 14.44 25.57 22.05
CA ARG D 9 14.83 26.78 22.79
C ARG D 9 14.88 27.94 21.78
N HIS D 10 14.06 28.99 22.01
CA HIS D 10 13.99 30.18 21.15
C HIS D 10 13.74 29.81 19.69
N LYS D 11 14.74 30.03 18.81
CA LYS D 11 14.68 29.71 17.39
C LYS D 11 15.48 28.45 17.06
N THR D 12 15.81 27.63 18.05
CA THR D 12 16.59 26.40 17.84
C THR D 12 15.75 25.14 18.15
N THR D 13 15.81 24.14 17.27
CA THR D 13 15.07 22.89 17.47
C THR D 13 16.04 21.76 17.20
N ILE D 14 16.20 20.86 18.16
CA ILE D 14 17.00 19.65 17.98
C ILE D 14 16.01 18.47 17.73
N PHE D 15 16.22 17.75 16.63
CA PHE D 15 15.43 16.57 16.34
C PHE D 15 16.25 15.39 16.78
N THR D 16 15.80 14.69 17.80
CA THR D 16 16.48 13.50 18.29
C THR D 16 15.54 12.38 18.76
N ASP D 17 16.06 11.16 18.76
CA ASP D 17 15.43 9.95 19.27
C ASP D 17 16.11 9.62 20.61
N ALA D 18 15.43 8.84 21.46
CA ALA D 18 15.94 8.35 22.73
C ALA D 18 15.12 7.15 23.13
N LYS D 19 15.61 6.39 24.13
CA LYS D 19 14.94 5.24 24.72
C LYS D 19 13.95 5.78 25.77
N GLU D 20 12.81 5.10 25.93
CA GLU D 20 11.78 5.41 26.94
C GLU D 20 12.39 5.27 28.34
N SER D 21 13.28 4.24 28.52
CA SER D 21 14.00 3.91 29.74
C SER D 21 15.18 4.84 30.04
N SER D 22 15.61 5.66 29.05
CA SER D 22 16.70 6.63 29.24
C SER D 22 16.24 7.78 30.14
N THR D 23 17.16 8.45 30.82
CA THR D 23 16.76 9.50 31.75
C THR D 23 16.91 10.91 31.18
N VAL D 24 16.32 11.89 31.89
CA VAL D 24 16.37 13.33 31.61
C VAL D 24 17.84 13.78 31.52
N PHE D 25 18.68 13.32 32.48
CA PHE D 25 20.11 13.63 32.52
C PHE D 25 20.85 13.20 31.23
N GLU D 26 20.54 11.98 30.71
CA GLU D 26 21.14 11.43 29.48
C GLU D 26 20.76 12.31 28.31
N LEU D 27 19.53 12.86 28.33
CA LEU D 27 19.04 13.76 27.31
C LEU D 27 19.76 15.13 27.39
N LYS D 28 20.04 15.61 28.62
CA LYS D 28 20.84 16.81 28.88
C LYS D 28 22.27 16.63 28.34
N ARG D 29 22.79 15.38 28.37
CA ARG D 29 24.12 15.00 27.86
C ARG D 29 24.13 15.03 26.32
N ILE D 30 23.01 14.68 25.68
CA ILE D 30 22.84 14.79 24.23
C ILE D 30 22.84 16.30 23.87
N VAL D 31 22.15 17.13 24.67
CA VAL D 31 22.07 18.58 24.46
C VAL D 31 23.46 19.22 24.62
N GLU D 32 24.26 18.74 25.59
CA GLU D 32 25.62 19.23 25.82
C GLU D 32 26.50 19.02 24.59
N GLY D 33 26.48 17.81 24.03
CA GLY D 33 27.25 17.45 22.84
C GLY D 33 26.95 18.31 21.61
N ILE D 34 25.72 18.82 21.54
CA ILE D 34 25.27 19.64 20.44
C ILE D 34 25.41 21.14 20.72
N LEU D 35 24.90 21.64 21.87
CA LEU D 35 24.89 23.07 22.18
C LEU D 35 26.00 23.57 23.13
N LYS D 36 26.90 22.66 23.53
CA LYS D 36 28.10 22.97 24.34
C LYS D 36 27.76 23.66 25.67
N ARG D 37 26.74 23.13 26.36
CA ARG D 37 26.26 23.63 27.65
C ARG D 37 26.10 22.41 28.57
N PRO D 38 26.85 22.36 29.71
CA PRO D 38 26.72 21.21 30.63
C PRO D 38 25.30 20.99 31.17
N PRO D 39 24.97 19.75 31.63
CA PRO D 39 23.61 19.47 32.14
C PRO D 39 23.03 20.40 33.22
N ASP D 40 23.88 20.84 34.14
CA ASP D 40 23.56 21.76 35.22
C ASP D 40 23.19 23.17 34.72
N GLU D 41 23.64 23.53 33.51
CA GLU D 41 23.34 24.81 32.87
C GLU D 41 22.04 24.73 32.03
N GLN D 42 21.33 23.59 32.13
CA GLN D 42 20.08 23.33 31.40
C GLN D 42 18.90 23.04 32.32
N ARG D 43 17.71 23.38 31.83
CA ARG D 43 16.41 23.05 32.42
C ARG D 43 15.52 22.50 31.30
N LEU D 44 14.99 21.28 31.49
CA LEU D 44 14.10 20.60 30.55
C LEU D 44 12.64 20.58 31.00
N TYR D 45 11.72 20.80 30.05
CA TYR D 45 10.29 20.90 30.31
C TYR D 45 9.40 20.06 29.37
N LYS D 46 8.30 19.53 29.93
CA LYS D 46 7.24 18.82 29.20
C LYS D 46 6.04 19.74 29.47
N ASP D 47 5.82 20.68 28.53
CA ASP D 47 4.87 21.79 28.59
C ASP D 47 5.32 22.77 29.68
N ASP D 48 4.45 23.07 30.66
CA ASP D 48 4.75 24.00 31.76
C ASP D 48 5.68 23.39 32.82
N GLN D 49 5.60 22.07 33.04
CA GLN D 49 6.32 21.36 34.10
C GLN D 49 7.80 21.08 33.83
N LEU D 50 8.63 21.40 34.82
CA LEU D 50 10.07 21.19 34.83
C LEU D 50 10.38 19.74 35.20
N LEU D 51 11.13 19.05 34.33
CA LEU D 51 11.52 17.64 34.48
C LEU D 51 12.77 17.43 35.34
N ASP D 52 12.69 16.46 36.29
CA ASP D 52 13.79 16.08 37.19
C ASP D 52 14.75 15.13 36.49
N ASP D 53 16.08 15.33 36.69
CA ASP D 53 17.20 14.60 36.10
C ASP D 53 17.13 13.08 36.17
N GLY D 54 16.78 12.52 37.35
CA GLY D 54 16.69 11.09 37.59
C GLY D 54 15.56 10.37 36.88
N LYS D 55 14.39 11.03 36.74
CA LYS D 55 13.18 10.48 36.11
C LYS D 55 13.40 10.04 34.67
N THR D 56 12.88 8.84 34.30
CA THR D 56 12.99 8.34 32.92
C THR D 56 12.05 9.16 32.02
N LEU D 57 12.22 9.05 30.70
CA LEU D 57 11.38 9.77 29.74
C LEU D 57 9.93 9.31 29.80
N GLY D 58 9.75 8.01 30.05
CA GLY D 58 8.44 7.37 30.20
C GLY D 58 7.71 7.88 31.42
N GLU D 59 8.46 8.17 32.50
CA GLU D 59 7.93 8.71 33.76
C GLU D 59 7.40 10.14 33.56
N CYS D 60 8.04 10.92 32.67
CA CYS D 60 7.69 12.29 32.33
C CYS D 60 6.42 12.35 31.47
N GLY D 61 6.18 11.30 30.70
CA GLY D 61 5.02 11.18 29.83
C GLY D 61 5.33 10.89 28.39
N PHE D 62 6.62 10.69 28.06
CA PHE D 62 7.09 10.39 26.71
C PHE D 62 7.01 8.89 26.41
N THR D 63 5.94 8.49 25.71
CA THR D 63 5.70 7.10 25.30
C THR D 63 5.64 7.02 23.78
N SER D 64 5.81 5.82 23.22
CA SER D 64 5.77 5.57 21.78
C SER D 64 4.51 6.13 21.10
N GLN D 65 3.37 6.13 21.81
CA GLN D 65 2.08 6.63 21.31
C GLN D 65 2.04 8.16 21.07
N THR D 66 2.77 8.93 21.91
CA THR D 66 2.79 10.40 21.86
C THR D 66 4.06 11.02 21.26
N ALA D 67 5.18 10.29 21.26
CA ALA D 67 6.45 10.78 20.73
C ALA D 67 6.79 9.98 19.46
N ARG D 68 6.07 10.31 18.36
CA ARG D 68 6.18 9.58 17.09
C ARG D 68 7.16 10.20 16.12
N PRO D 69 7.84 9.42 15.22
CA PRO D 69 8.81 10.06 14.29
C PRO D 69 8.16 11.14 13.41
N GLN D 70 6.96 10.87 12.88
CA GLN D 70 6.23 11.82 12.04
C GLN D 70 5.47 12.92 12.82
N ALA D 71 5.48 12.84 14.18
CA ALA D 71 4.81 13.77 15.10
C ALA D 71 5.56 13.77 16.44
N PRO D 72 6.81 14.29 16.47
CA PRO D 72 7.58 14.26 17.74
C PRO D 72 6.98 15.04 18.91
N ALA D 73 7.32 14.63 20.13
CA ALA D 73 6.88 15.34 21.33
C ALA D 73 7.89 16.47 21.59
N THR D 74 7.37 17.66 21.97
CA THR D 74 8.16 18.85 22.29
C THR D 74 8.69 18.83 23.72
N VAL D 75 10.01 18.96 23.83
CA VAL D 75 10.78 19.09 25.05
C VAL D 75 11.32 20.52 25.06
N GLY D 76 10.86 21.31 26.01
CA GLY D 76 11.27 22.71 26.16
C GLY D 76 12.61 22.80 26.84
N LEU D 77 13.49 23.67 26.33
CA LEU D 77 14.84 23.84 26.86
C LEU D 77 15.09 25.28 27.27
N ALA D 78 15.63 25.46 28.47
CA ALA D 78 15.95 26.77 29.02
C ALA D 78 17.40 26.76 29.51
N PHE D 79 18.14 27.86 29.24
CA PHE D 79 19.53 27.99 29.68
C PHE D 79 19.67 29.02 30.74
N ARG D 80 20.70 28.89 31.58
CA ARG D 80 21.04 29.86 32.63
C ARG D 80 21.68 31.07 31.92
N ALA D 81 20.92 32.20 31.80
CA ALA D 81 21.39 33.43 31.13
C ALA D 81 21.51 34.62 32.10
N ASP D 82 22.71 35.26 32.14
CA ASP D 82 23.08 36.36 33.05
C ASP D 82 23.04 35.87 34.51
N ASP D 83 23.72 34.71 34.73
CA ASP D 83 23.90 33.96 36.00
C ASP D 83 22.61 33.34 36.58
N THR D 84 21.47 33.40 35.83
CA THR D 84 20.15 32.87 36.25
C THR D 84 19.32 32.31 35.09
N PHE D 85 18.64 31.16 35.32
CA PHE D 85 17.79 30.51 34.31
C PHE D 85 16.74 31.48 33.76
N GLU D 86 16.82 31.72 32.44
CA GLU D 86 15.92 32.58 31.65
C GLU D 86 14.51 31.95 31.65
N ALA D 87 13.47 32.76 31.42
CA ALA D 87 12.12 32.22 31.33
C ALA D 87 12.05 31.32 30.08
N LEU D 88 11.29 30.22 30.16
CA LEU D 88 11.14 29.30 29.04
C LEU D 88 10.54 30.05 27.87
N CYS D 89 11.25 29.99 26.74
CA CYS D 89 10.87 30.70 25.54
C CYS D 89 11.12 29.87 24.31
N ILE D 90 10.06 29.64 23.57
CA ILE D 90 10.10 28.93 22.31
C ILE D 90 9.41 29.85 21.31
N GLU D 91 10.14 30.26 20.26
CA GLU D 91 9.55 31.12 19.23
C GLU D 91 8.61 30.29 18.36
N PRO D 92 7.41 30.76 18.00
CA PRO D 92 6.56 29.95 17.12
C PRO D 92 7.13 29.79 15.70
N PHE D 93 6.80 28.67 15.02
CA PHE D 93 7.18 28.49 13.61
C PHE D 93 6.31 29.49 12.81
N SER D 94 6.55 29.61 11.49
CA SER D 94 5.76 30.53 10.67
C SER D 94 4.33 29.97 10.48
N SER D 95 3.45 30.80 9.97
CA SER D 95 2.07 30.39 9.75
C SER D 95 1.83 30.04 8.29
N PRO D 96 1.11 28.92 8.01
CA PRO D 96 0.77 28.61 6.62
C PRO D 96 -0.12 29.72 6.03
N PRO D 97 0.05 30.04 4.72
CA PRO D 97 -0.78 31.10 4.14
C PRO D 97 -2.24 30.68 4.01
N GLU D 98 -3.04 31.60 3.48
CA GLU D 98 -4.44 31.29 3.17
C GLU D 98 -4.40 30.14 2.14
N LEU D 99 -5.24 29.11 2.38
CA LEU D 99 -5.40 27.94 1.52
C LEU D 99 -5.86 28.41 0.14
N PRO D 100 -5.26 27.91 -0.97
CA PRO D 100 -5.72 28.33 -2.31
C PRO D 100 -7.22 28.03 -2.53
N ASP D 101 -7.88 28.78 -3.43
CA ASP D 101 -9.31 28.60 -3.69
C ASP D 101 -9.65 27.27 -4.36
N VAL D 102 -8.75 26.77 -5.23
CA VAL D 102 -8.95 25.48 -5.90
C VAL D 102 -8.75 24.34 -4.89
N MET D 103 -8.01 24.63 -3.80
CA MET D 103 -7.76 23.70 -2.68
C MET D 103 -8.88 23.82 -1.64
N LYS D 104 -9.76 24.82 -1.78
CA LYS D 104 -10.90 25.11 -0.91
C LYS D 104 -12.19 24.50 -1.49
#